data_5OW6
#
_entry.id   5OW6
#
loop_
_entity.id
_entity.type
_entity.pdbx_description
1 polymer VP1
2 polymer 'Capsid protein, VP2'
3 polymer 'Capsid protein, VP3'
#
loop_
_entity_poly.entity_id
_entity_poly.type
_entity_poly.pdbx_seq_one_letter_code
_entity_poly.pdbx_strand_id
1 'polypeptide(L)'
;PGYTFTSITLKPPKIDRGSYYGKRLLLPDSVTEYDKKLVSRLQIRVNPLPKFDSTVWVTVRKVPASSDLSVAAISAMFAD
GASPVLVYQYAASGVQANNKLLYDLSAMRADIGDMRKYAVLVYSKDDALETDELVLHVDIEHQRIPTSGVLPV
;
A
2 'polypeptide(L)'
;DANFRVLSQQLSRLNKTLAAGRPTINHPTFVGSERCRPGYTFTSITLKPPKIDRGSYYGKRLLLPDSVTEYDKKLVSRLQ
IRVNPLPKFDSTVWVTVRKVPASSDLSVAAISAMFADGASPVLVYQYAASGVQANNKLLYDLSAMRADIGDMRKYAVLVY
SKDDALETDELVLHVDIEHQRIPTSGVLPV
;
B
3 'polypeptide(L)'
;ADANFRVLSQQLSRLNKTLAAGRPTINHPTFVGSERCRPGYTFTSITLKPPKIDRGSYYGKRLLLPDSVTEYDKKLVSRL
QIRVNPLPKFDSTVWVTVRKVPASSDLSVAAISAMFADGASPVLVYQYAASGVQANNKLLYDLSAMRADIGDMRKYAVLV
YSKDDALETDELVLHVDIEHQRIPTSGVLPV
;
C
#
# COMPACT_ATOMS: atom_id res chain seq x y z
N PRO A 1 -7.96 -25.63 5.91
CA PRO A 1 -6.63 -25.07 6.18
C PRO A 1 -6.46 -23.67 5.60
N GLY A 2 -5.51 -23.50 4.70
CA GLY A 2 -5.33 -22.22 4.03
C GLY A 2 -4.61 -21.21 4.89
N TYR A 3 -3.34 -21.48 5.20
CA TYR A 3 -2.63 -20.61 6.11
C TYR A 3 -1.12 -20.66 5.92
N THR A 4 -0.51 -19.47 5.90
CA THR A 4 0.93 -19.26 5.83
C THR A 4 1.40 -18.67 7.14
N PHE A 5 2.32 -19.35 7.83
CA PHE A 5 2.62 -19.05 9.23
C PHE A 5 3.32 -17.73 9.49
N THR A 6 2.53 -16.78 9.97
CA THR A 6 2.99 -15.42 10.23
C THR A 6 3.79 -15.40 11.50
N SER A 7 5.08 -15.11 11.37
CA SER A 7 5.93 -15.03 12.54
C SER A 7 6.23 -13.58 12.87
N ILE A 8 6.12 -13.24 14.16
CA ILE A 8 6.59 -11.93 14.62
C ILE A 8 7.58 -12.15 15.75
N THR A 9 8.75 -11.54 15.64
CA THR A 9 9.78 -11.71 16.64
C THR A 9 9.94 -10.44 17.46
N LEU A 10 9.56 -10.50 18.74
CA LEU A 10 9.58 -9.34 19.62
C LEU A 10 10.49 -9.65 20.81
N LYS A 11 11.64 -9.00 20.85
CA LYS A 11 12.53 -9.15 21.99
C LYS A 11 12.24 -8.08 23.02
N PRO A 12 12.20 -8.42 24.30
CA PRO A 12 11.91 -7.40 25.34
C PRO A 12 13.18 -6.78 25.87
N PRO A 13 13.15 -5.49 26.18
CA PRO A 13 14.35 -4.81 26.72
C PRO A 13 14.61 -5.22 28.17
N LYS A 14 15.60 -4.57 28.77
CA LYS A 14 16.24 -5.14 29.95
C LYS A 14 15.45 -4.90 31.22
N ILE A 15 15.42 -5.93 32.07
CA ILE A 15 14.60 -5.99 33.27
C ILE A 15 15.57 -5.94 34.44
N ASP A 16 15.03 -5.76 35.65
CA ASP A 16 15.80 -5.95 36.87
C ASP A 16 15.41 -7.29 37.49
N ARG A 17 15.90 -7.58 38.68
CA ARG A 17 15.61 -8.83 39.36
C ARG A 17 14.24 -8.71 40.02
N GLY A 18 13.29 -9.53 39.56
CA GLY A 18 11.97 -9.51 40.14
C GLY A 18 11.03 -8.46 39.60
N SER A 19 11.22 -8.04 38.35
CA SER A 19 10.38 -7.01 37.76
C SER A 19 9.64 -7.57 36.56
N TYR A 20 8.54 -6.91 36.22
CA TYR A 20 7.63 -7.33 35.16
C TYR A 20 7.97 -6.60 33.88
N TYR A 21 7.26 -6.98 32.81
CA TYR A 21 7.36 -6.30 31.53
C TYR A 21 6.09 -6.56 30.72
N GLY A 22 5.62 -5.53 30.04
CA GLY A 22 4.51 -5.68 29.12
C GLY A 22 4.82 -5.03 27.78
N LYS A 23 4.25 -5.61 26.72
CA LYS A 23 4.39 -5.07 25.38
C LYS A 23 3.24 -5.56 24.52
N ARG A 24 2.65 -4.65 23.76
CA ARG A 24 1.44 -4.93 23.00
C ARG A 24 1.77 -5.60 21.67
N LEU A 25 0.80 -6.35 21.16
CA LEU A 25 0.98 -7.10 19.92
C LEU A 25 0.81 -6.20 18.71
N LEU A 26 1.92 -5.65 18.22
CA LEU A 26 1.91 -4.89 16.98
C LEU A 26 2.45 -5.79 15.87
N LEU A 27 1.75 -5.82 14.75
CA LEU A 27 2.01 -6.72 13.64
C LEU A 27 2.45 -5.92 12.42
N PRO A 28 3.06 -6.57 11.42
CA PRO A 28 3.35 -5.86 10.18
C PRO A 28 2.07 -5.42 9.46
N ASP A 29 2.21 -4.33 8.72
CA ASP A 29 1.05 -3.62 8.21
C ASP A 29 0.43 -4.32 7.00
N SER A 30 1.13 -5.30 6.43
CA SER A 30 0.51 -6.18 5.44
C SER A 30 -0.51 -7.10 6.09
N VAL A 31 -0.39 -7.32 7.39
CA VAL A 31 -1.34 -8.16 8.10
C VAL A 31 -2.51 -7.34 8.62
N THR A 32 -2.22 -6.13 9.12
CA THR A 32 -3.22 -5.30 9.77
C THR A 32 -4.31 -4.84 8.81
N GLU A 33 -4.01 -4.74 7.52
CA GLU A 33 -5.00 -4.39 6.52
C GLU A 33 -6.00 -5.52 6.27
N TYR A 34 -5.71 -6.72 6.75
CA TYR A 34 -6.56 -7.90 6.58
C TYR A 34 -7.46 -8.11 7.80
N ASP A 35 -8.00 -7.02 8.34
CA ASP A 35 -8.62 -7.01 9.66
C ASP A 35 -9.81 -7.95 9.80
N LYS A 36 -10.52 -8.22 8.71
CA LYS A 36 -11.69 -9.08 8.81
C LYS A 36 -11.32 -10.55 8.99
N LYS A 37 -10.10 -10.93 8.64
CA LYS A 37 -9.73 -12.34 8.51
C LYS A 37 -9.75 -13.08 9.84
N LEU A 38 -10.33 -14.27 9.81
CA LEU A 38 -10.52 -15.05 11.03
C LEU A 38 -9.20 -15.60 11.53
N VAL A 39 -9.04 -15.59 12.85
CA VAL A 39 -7.78 -15.91 13.50
C VAL A 39 -7.94 -17.19 14.30
N SER A 40 -7.18 -18.20 13.95
CA SER A 40 -7.14 -19.44 14.71
C SER A 40 -6.10 -19.36 15.81
N ARG A 41 -5.69 -20.52 16.33
CA ARG A 41 -4.82 -20.65 17.49
C ARG A 41 -3.48 -19.97 17.30
N LEU A 42 -2.80 -19.71 18.41
CA LEU A 42 -1.51 -19.05 18.38
C LEU A 42 -0.62 -19.64 19.45
N GLN A 43 0.68 -19.38 19.34
CA GLN A 43 1.61 -19.94 20.31
C GLN A 43 2.80 -19.02 20.45
N ILE A 44 3.58 -19.27 21.49
CA ILE A 44 4.83 -18.57 21.71
C ILE A 44 5.95 -19.58 21.67
N ARG A 45 7.17 -19.07 21.47
CA ARG A 45 8.39 -19.89 21.50
C ARG A 45 9.49 -19.05 22.12
N VAL A 46 10.34 -19.69 22.91
CA VAL A 46 11.45 -19.05 23.58
C VAL A 46 12.74 -19.70 23.10
N ASN A 47 13.48 -19.01 22.25
CA ASN A 47 14.75 -19.52 21.73
C ASN A 47 15.89 -18.71 22.29
N PRO A 48 16.73 -19.27 23.15
CA PRO A 48 17.88 -18.51 23.65
C PRO A 48 19.13 -18.65 22.79
N LEU A 49 19.75 -17.53 22.46
CA LEU A 49 21.15 -17.59 22.07
C LEU A 49 21.97 -17.90 23.32
N PRO A 50 23.03 -18.70 23.19
CA PRO A 50 23.92 -18.93 24.34
C PRO A 50 24.62 -17.65 24.74
N LYS A 51 25.17 -17.68 25.97
CA LYS A 51 25.32 -16.67 27.04
C LYS A 51 24.06 -16.62 27.89
N PHE A 52 23.03 -17.40 27.57
CA PHE A 52 21.78 -17.37 28.32
C PHE A 52 21.92 -18.12 29.63
N ASP A 53 21.49 -17.47 30.73
CA ASP A 53 21.25 -18.17 31.99
C ASP A 53 20.17 -17.37 32.74
N SER A 54 18.92 -17.75 32.53
CA SER A 54 17.79 -17.07 33.15
C SER A 54 16.58 -18.00 33.09
N THR A 55 15.46 -17.52 33.64
CA THR A 55 14.18 -18.20 33.54
C THR A 55 13.08 -17.15 33.60
N VAL A 56 11.95 -17.44 32.94
CA VAL A 56 10.90 -16.45 32.69
C VAL A 56 9.54 -17.06 33.01
N TRP A 57 8.55 -16.17 33.12
CA TRP A 57 7.14 -16.50 33.38
C TRP A 57 6.24 -15.86 32.33
N VAL A 58 6.55 -16.11 31.05
CA VAL A 58 5.87 -15.44 29.93
C VAL A 58 4.43 -15.91 29.83
N THR A 59 3.51 -14.96 29.64
CA THR A 59 2.08 -15.23 29.47
C THR A 59 1.44 -14.04 28.75
N VAL A 60 0.63 -14.30 27.73
CA VAL A 60 0.00 -13.26 26.93
C VAL A 60 -1.53 -13.43 26.99
N ARG A 61 -2.24 -12.31 27.11
CA ARG A 61 -3.69 -12.27 26.99
C ARG A 61 -4.06 -10.86 26.54
N LYS A 62 -5.36 -10.62 26.34
CA LYS A 62 -5.85 -9.27 26.06
C LYS A 62 -5.68 -8.37 27.26
N VAL A 63 -5.08 -7.21 27.05
CA VAL A 63 -5.00 -6.20 28.10
C VAL A 63 -6.35 -5.48 28.18
N PRO A 64 -6.95 -5.36 29.37
CA PRO A 64 -8.27 -4.72 29.46
C PRO A 64 -8.18 -3.21 29.37
N ALA A 65 -9.34 -2.54 29.49
CA ALA A 65 -9.48 -1.08 29.48
C ALA A 65 -8.93 -0.44 28.20
N SER A 66 -8.92 -1.20 27.10
CA SER A 66 -8.44 -0.80 25.78
C SER A 66 -7.01 -0.26 25.83
N SER A 67 -6.09 -1.14 26.23
CA SER A 67 -4.64 -0.91 26.28
C SER A 67 -4.27 0.28 27.18
N ASP A 68 -4.61 0.15 28.46
CA ASP A 68 -3.94 0.95 29.47
C ASP A 68 -2.52 0.44 29.65
N LEU A 69 -1.63 1.29 30.15
CA LEU A 69 -0.19 1.06 30.10
C LEU A 69 0.22 -0.15 30.94
N SER A 70 1.35 -0.75 30.56
CA SER A 70 1.66 -2.13 30.89
C SER A 70 2.95 -2.26 31.70
N VAL A 71 3.09 -1.45 32.74
CA VAL A 71 4.16 -1.60 33.71
C VAL A 71 3.55 -1.62 35.12
N ALA A 72 3.88 -2.67 35.87
CA ALA A 72 3.58 -2.85 37.30
C ALA A 72 2.10 -2.97 37.64
N ALA A 73 1.22 -2.88 36.64
CA ALA A 73 -0.20 -3.16 36.83
C ALA A 73 -0.58 -4.53 36.30
N ILE A 74 0.38 -5.26 35.76
CA ILE A 74 0.16 -6.63 35.28
C ILE A 74 0.60 -7.59 36.37
N SER A 75 1.05 -7.04 37.49
CA SER A 75 1.38 -7.86 38.65
C SER A 75 0.13 -8.50 39.24
N ALA A 76 -1.00 -7.78 39.20
CA ALA A 76 -2.27 -8.40 39.52
C ALA A 76 -2.70 -9.36 38.41
N MET A 77 -2.29 -9.08 37.18
CA MET A 77 -2.67 -9.93 36.06
C MET A 77 -1.88 -11.23 36.00
N PHE A 78 -0.74 -11.32 36.67
CA PHE A 78 -0.07 -12.60 36.87
C PHE A 78 -0.46 -13.27 38.19
N ALA A 79 -1.35 -12.65 38.96
CA ALA A 79 -1.76 -13.21 40.22
C ALA A 79 -2.95 -14.16 40.11
N ASP A 80 -3.60 -14.21 38.94
CA ASP A 80 -4.77 -15.06 38.80
C ASP A 80 -4.42 -16.51 38.53
N GLY A 81 -3.54 -16.76 37.56
CA GLY A 81 -3.26 -18.13 37.16
C GLY A 81 -4.40 -18.78 36.39
N ALA A 82 -4.87 -18.13 35.32
CA ALA A 82 -5.96 -18.68 34.53
C ALA A 82 -5.43 -19.46 33.33
N SER A 83 -4.68 -18.80 32.47
CA SER A 83 -4.01 -19.43 31.34
C SER A 83 -2.66 -19.99 31.78
N PRO A 84 -2.17 -21.06 31.15
CA PRO A 84 -0.87 -21.62 31.55
C PRO A 84 0.28 -20.69 31.21
N VAL A 85 1.43 -20.99 31.81
CA VAL A 85 2.62 -20.16 31.73
C VAL A 85 3.80 -21.02 31.29
N LEU A 86 4.66 -20.44 30.46
CA LEU A 86 5.87 -21.12 30.02
C LEU A 86 7.05 -20.70 30.89
N VAL A 87 7.74 -21.68 31.45
CA VAL A 87 8.87 -21.46 32.33
C VAL A 87 10.06 -22.19 31.74
N TYR A 88 11.07 -21.45 31.33
CA TYR A 88 12.22 -22.02 30.61
C TYR A 88 13.45 -21.99 31.51
N GLN A 89 13.78 -23.13 32.12
CA GLN A 89 14.98 -23.26 32.94
C GLN A 89 15.65 -24.60 32.62
N TYR A 90 15.87 -24.88 31.34
CA TYR A 90 16.34 -26.18 30.91
C TYR A 90 17.70 -26.12 30.22
N ALA A 91 17.86 -25.21 29.25
CA ALA A 91 19.14 -24.86 28.61
C ALA A 91 19.81 -26.04 27.90
N ALA A 92 19.00 -26.95 27.35
CA ALA A 92 19.51 -28.04 26.52
C ALA A 92 18.38 -28.50 25.61
N SER A 93 18.74 -28.87 24.39
CA SER A 93 17.76 -29.20 23.35
C SER A 93 17.13 -30.55 23.67
N GLY A 94 15.98 -30.53 24.33
CA GLY A 94 15.21 -31.72 24.61
C GLY A 94 14.90 -31.97 26.07
N VAL A 95 15.59 -31.30 26.99
CA VAL A 95 15.29 -31.45 28.42
C VAL A 95 13.97 -30.77 28.74
N GLN A 96 13.68 -29.65 28.09
CA GLN A 96 12.38 -29.03 28.19
C GLN A 96 11.31 -29.92 27.57
N ALA A 97 10.15 -30.00 28.24
CA ALA A 97 8.99 -30.64 27.64
C ALA A 97 8.59 -29.96 26.34
N ASN A 98 8.36 -28.65 26.38
CA ASN A 98 7.87 -27.93 25.20
C ASN A 98 8.15 -26.43 25.33
N ASN A 99 8.46 -25.81 24.20
CA ASN A 99 8.66 -24.38 24.10
C ASN A 99 7.39 -23.62 23.77
N LYS A 100 6.23 -24.28 23.81
CA LYS A 100 5.07 -23.73 23.14
C LYS A 100 3.80 -24.04 23.91
N LEU A 101 2.83 -23.14 23.79
CA LEU A 101 1.54 -23.18 24.46
C LEU A 101 0.44 -22.97 23.42
N LEU A 102 -0.77 -22.68 23.90
CA LEU A 102 -1.92 -22.66 23.01
C LEU A 102 -2.95 -21.65 23.51
N TYR A 103 -3.48 -20.86 22.58
CA TYR A 103 -4.47 -19.83 22.88
C TYR A 103 -5.53 -19.79 21.77
N ASP A 104 -6.17 -20.95 21.52
CA ASP A 104 -7.12 -21.09 20.40
C ASP A 104 -8.28 -20.12 20.50
N LEU A 105 -8.72 -19.65 19.33
CA LEU A 105 -9.79 -18.65 19.22
C LEU A 105 -10.78 -19.03 18.13
N SER A 106 -10.89 -20.32 17.78
CA SER A 106 -11.71 -20.72 16.65
C SER A 106 -13.20 -20.50 16.92
N ALA A 107 -13.62 -20.65 18.17
CA ALA A 107 -15.00 -20.31 18.53
C ALA A 107 -15.15 -18.82 18.79
N MET A 108 -14.07 -18.17 19.24
CA MET A 108 -14.14 -16.74 19.50
C MET A 108 -14.08 -15.93 18.21
N ARG A 109 -13.19 -16.33 17.29
CA ARG A 109 -12.94 -15.65 16.01
C ARG A 109 -12.55 -14.18 16.21
N ALA A 110 -11.78 -13.92 17.25
CA ALA A 110 -11.23 -12.59 17.49
C ALA A 110 -10.22 -12.27 16.41
N ASP A 111 -10.51 -11.27 15.60
CA ASP A 111 -9.88 -11.10 14.31
C ASP A 111 -8.50 -10.44 14.42
N ILE A 112 -7.98 -10.01 13.27
CA ILE A 112 -6.71 -9.29 13.20
C ILE A 112 -6.82 -7.94 13.89
N GLY A 113 -7.98 -7.30 13.81
CA GLY A 113 -8.20 -6.06 14.53
C GLY A 113 -8.18 -6.24 16.03
N ASP A 114 -8.53 -7.42 16.52
CA ASP A 114 -8.44 -7.71 17.94
C ASP A 114 -7.03 -8.05 18.39
N MET A 115 -6.10 -8.21 17.46
CA MET A 115 -4.70 -8.36 17.85
C MET A 115 -4.07 -7.05 18.26
N ARG A 116 -4.73 -5.92 18.00
CA ARG A 116 -4.26 -4.65 18.55
C ARG A 116 -4.45 -4.61 20.06
N LYS A 117 -5.42 -5.37 20.58
CA LYS A 117 -5.73 -5.32 21.99
C LYS A 117 -4.98 -6.37 22.81
N TYR A 118 -4.12 -7.18 22.21
CA TYR A 118 -3.39 -8.17 22.97
C TYR A 118 -2.02 -7.63 23.36
N ALA A 119 -1.48 -8.14 24.46
CA ALA A 119 -0.23 -7.64 25.01
C ALA A 119 0.56 -8.77 25.64
N VAL A 120 1.79 -8.97 25.17
CA VAL A 120 2.69 -9.94 25.82
C VAL A 120 3.10 -9.39 27.16
N LEU A 121 2.91 -10.19 28.21
CA LEU A 121 3.27 -9.80 29.56
C LEU A 121 4.38 -10.72 30.04
N VAL A 122 5.47 -10.15 30.51
CA VAL A 122 6.69 -10.89 30.79
C VAL A 122 7.05 -10.69 32.25
N TYR A 123 7.30 -11.80 32.96
CA TYR A 123 7.97 -11.77 34.24
C TYR A 123 9.34 -12.44 34.10
N SER A 124 10.35 -11.83 34.72
CA SER A 124 11.67 -12.44 34.84
C SER A 124 11.98 -12.63 36.32
N LYS A 125 12.74 -13.68 36.63
CA LYS A 125 13.02 -14.03 38.02
C LYS A 125 14.50 -14.05 38.33
N ASP A 126 15.34 -14.51 37.41
CA ASP A 126 16.75 -14.66 37.67
C ASP A 126 17.55 -13.82 36.69
N ASP A 127 18.69 -13.30 37.17
CA ASP A 127 19.79 -12.73 36.40
C ASP A 127 19.40 -11.44 35.65
N ALA A 128 18.19 -10.92 35.85
CA ALA A 128 17.65 -9.67 35.30
C ALA A 128 17.54 -9.65 33.77
N LEU A 129 17.89 -10.75 33.09
CA LEU A 129 17.71 -10.94 31.64
C LEU A 129 18.43 -9.86 30.82
N GLU A 130 19.76 -9.99 30.79
CA GLU A 130 20.58 -9.06 30.03
C GLU A 130 20.45 -9.29 28.52
N THR A 131 21.25 -8.53 27.76
CA THR A 131 21.13 -8.44 26.31
C THR A 131 21.42 -9.77 25.62
N ASP A 132 20.67 -10.01 24.54
CA ASP A 132 20.86 -11.12 23.59
C ASP A 132 20.73 -12.49 24.23
N GLU A 133 20.10 -12.60 25.40
CA GLU A 133 20.06 -13.88 26.09
C GLU A 133 18.94 -14.77 25.59
N LEU A 134 17.73 -14.22 25.40
CA LEU A 134 16.63 -14.97 24.82
C LEU A 134 16.00 -14.18 23.68
N VAL A 135 15.50 -14.92 22.69
CA VAL A 135 14.81 -14.33 21.56
C VAL A 135 13.39 -14.90 21.57
N LEU A 136 12.42 -14.07 21.95
CA LEU A 136 11.03 -14.51 21.98
C LEU A 136 10.47 -14.60 20.58
N HIS A 137 9.63 -15.60 20.36
CA HIS A 137 8.88 -15.73 19.12
C HIS A 137 7.41 -15.91 19.48
N VAL A 138 6.54 -15.29 18.70
CA VAL A 138 5.10 -15.49 18.81
C VAL A 138 4.57 -15.74 17.40
N ASP A 139 3.86 -16.86 17.23
CA ASP A 139 3.37 -17.26 15.92
C ASP A 139 1.86 -17.37 16.00
N ILE A 140 1.17 -16.79 15.03
CA ILE A 140 -0.30 -16.65 15.05
C ILE A 140 -0.82 -17.53 13.92
N GLU A 141 -2.14 -17.76 13.87
CA GLU A 141 -2.77 -18.41 12.72
C GLU A 141 -4.01 -17.62 12.30
N HIS A 142 -4.06 -17.22 11.04
CA HIS A 142 -5.11 -16.34 10.54
C HIS A 142 -5.16 -16.43 9.02
N GLN A 143 -6.39 -16.51 8.49
CA GLN A 143 -6.73 -16.89 7.12
C GLN A 143 -5.86 -16.19 6.07
N ARG A 144 -5.57 -16.95 5.00
CA ARG A 144 -4.41 -16.71 4.16
C ARG A 144 -4.47 -15.36 3.45
N ILE A 145 -3.32 -14.71 3.38
CA ILE A 145 -3.10 -13.38 2.79
C ILE A 145 -3.64 -13.35 1.36
N PRO A 146 -4.56 -12.45 1.03
CA PRO A 146 -4.92 -12.21 -0.37
C PRO A 146 -3.97 -11.21 -1.01
N THR A 147 -3.23 -11.66 -2.02
CA THR A 147 -2.27 -10.78 -2.66
C THR A 147 -2.96 -9.89 -3.69
N SER A 148 -2.39 -8.70 -3.88
CA SER A 148 -2.95 -7.76 -4.83
C SER A 148 -2.71 -8.22 -6.26
N GLY A 149 -3.72 -8.09 -7.09
CA GLY A 149 -3.55 -8.37 -8.49
C GLY A 149 -3.12 -7.19 -9.33
N VAL A 150 -2.78 -6.07 -8.71
CA VAL A 150 -2.46 -4.84 -9.44
C VAL A 150 -1.06 -4.40 -9.03
N LEU A 151 -0.21 -4.14 -10.02
CA LEU A 151 1.10 -3.56 -9.79
C LEU A 151 0.93 -2.15 -9.23
N PRO A 152 1.92 -1.62 -8.50
CA PRO A 152 1.77 -0.28 -7.93
C PRO A 152 1.62 0.80 -8.99
N VAL A 153 0.84 1.80 -8.64
CA VAL A 153 0.35 2.78 -9.61
C VAL A 153 1.17 4.08 -9.60
N ASP B 1 -20.00 -18.89 -32.87
CA ASP B 1 -19.33 -20.19 -32.94
C ASP B 1 -18.05 -20.09 -33.78
N ALA B 2 -16.95 -19.72 -33.11
CA ALA B 2 -15.59 -19.62 -33.66
C ALA B 2 -15.47 -18.67 -34.86
N ASN B 3 -16.45 -17.78 -35.03
CA ASN B 3 -16.42 -16.76 -36.06
C ASN B 3 -16.65 -15.38 -35.51
N PHE B 4 -17.51 -15.25 -34.50
CA PHE B 4 -17.58 -14.05 -33.69
C PHE B 4 -16.52 -14.03 -32.61
N ARG B 5 -15.93 -15.20 -32.33
CA ARG B 5 -14.86 -15.27 -31.34
C ARG B 5 -13.62 -14.53 -31.81
N VAL B 6 -13.27 -14.67 -33.09
CA VAL B 6 -12.10 -13.97 -33.61
C VAL B 6 -12.41 -12.48 -33.81
N LEU B 7 -13.68 -12.13 -34.05
CA LEU B 7 -14.03 -10.73 -34.14
C LEU B 7 -14.04 -10.07 -32.77
N SER B 8 -14.41 -10.83 -31.75
CA SER B 8 -14.39 -10.30 -30.39
C SER B 8 -12.97 -10.05 -29.91
N GLN B 9 -12.03 -10.89 -30.33
CA GLN B 9 -10.64 -10.66 -29.95
C GLN B 9 -10.01 -9.52 -30.72
N GLN B 10 -10.53 -9.18 -31.90
CA GLN B 10 -10.02 -8.02 -32.62
C GLN B 10 -10.48 -6.72 -31.95
N LEU B 11 -11.76 -6.64 -31.58
CA LEU B 11 -12.27 -5.42 -31.01
C LEU B 11 -11.72 -5.16 -29.62
N SER B 12 -11.44 -6.23 -28.86
CA SER B 12 -10.88 -6.06 -27.53
C SER B 12 -9.46 -5.54 -27.59
N ARG B 13 -8.76 -5.77 -28.70
CA ARG B 13 -7.48 -5.12 -28.90
C ARG B 13 -7.65 -3.62 -29.05
N LEU B 14 -8.72 -3.20 -29.74
CA LEU B 14 -8.92 -1.77 -29.96
C LEU B 14 -9.36 -1.07 -28.69
N ASN B 15 -10.01 -1.78 -27.77
CA ASN B 15 -10.39 -1.16 -26.52
C ASN B 15 -9.17 -0.85 -25.66
N LYS B 16 -8.18 -1.73 -25.69
CA LYS B 16 -6.92 -1.44 -25.01
C LYS B 16 -6.14 -0.37 -25.73
N THR B 17 -6.09 -0.45 -27.06
CA THR B 17 -5.22 0.42 -27.83
C THR B 17 -5.72 1.86 -27.83
N LEU B 18 -7.03 2.05 -28.07
CA LEU B 18 -7.58 3.40 -28.08
C LEU B 18 -7.67 4.00 -26.68
N ALA B 19 -7.49 3.20 -25.64
CA ALA B 19 -7.37 3.68 -24.27
C ALA B 19 -5.97 3.45 -23.72
N ALA B 20 -4.95 3.63 -24.56
CA ALA B 20 -3.57 3.48 -24.11
C ALA B 20 -3.21 4.54 -23.08
N GLY B 21 -3.17 5.79 -23.50
CA GLY B 21 -3.09 6.86 -22.53
C GLY B 21 -4.11 7.94 -22.80
N ARG B 22 -5.11 8.03 -21.93
CA ARG B 22 -6.06 9.13 -21.90
C ARG B 22 -6.40 9.36 -20.44
N PRO B 23 -6.69 10.59 -20.05
CA PRO B 23 -7.04 10.84 -18.64
C PRO B 23 -8.40 10.31 -18.27
N THR B 24 -8.45 9.01 -17.99
CA THR B 24 -9.67 8.35 -17.55
C THR B 24 -9.95 8.77 -16.11
N ILE B 25 -11.22 8.70 -15.71
CA ILE B 25 -11.63 9.13 -14.39
C ILE B 25 -11.15 8.20 -13.28
N ASN B 26 -10.74 6.97 -13.62
CA ASN B 26 -10.22 6.06 -12.61
C ASN B 26 -8.82 6.45 -12.14
N HIS B 27 -8.07 7.14 -12.98
CA HIS B 27 -6.75 7.67 -12.68
C HIS B 27 -6.46 8.84 -13.62
N PRO B 28 -6.62 10.06 -13.14
CA PRO B 28 -6.73 11.19 -14.06
C PRO B 28 -5.40 11.80 -14.45
N THR B 29 -4.32 11.51 -13.74
CA THR B 29 -3.09 12.18 -14.06
C THR B 29 -2.00 11.22 -14.49
N PHE B 30 -1.74 10.20 -13.69
CA PHE B 30 -0.69 9.25 -14.03
C PHE B 30 -1.32 8.02 -14.64
N VAL B 31 -0.63 7.43 -15.62
CA VAL B 31 -1.19 6.32 -16.38
C VAL B 31 -1.31 5.10 -15.48
N GLY B 32 -2.38 4.34 -15.66
CA GLY B 32 -2.69 3.27 -14.75
C GLY B 32 -1.85 2.04 -15.03
N SER B 33 -1.72 1.20 -14.00
CA SER B 33 -0.99 -0.03 -14.17
C SER B 33 -1.83 -1.07 -14.90
N GLU B 34 -1.17 -2.13 -15.33
CA GLU B 34 -1.86 -3.29 -15.85
C GLU B 34 -1.95 -4.35 -14.76
N ARG B 35 -2.90 -5.26 -14.93
CA ARG B 35 -3.18 -6.27 -13.91
C ARG B 35 -2.05 -7.30 -13.85
N CYS B 36 -1.70 -7.71 -12.64
CA CYS B 36 -0.74 -8.78 -12.46
C CYS B 36 -1.31 -10.08 -13.00
N ARG B 37 -0.43 -10.94 -13.51
CA ARG B 37 -0.89 -12.18 -14.09
C ARG B 37 -1.32 -13.15 -13.00
N PRO B 38 -2.32 -14.00 -13.26
CA PRO B 38 -2.75 -14.98 -12.25
C PRO B 38 -1.66 -15.97 -11.92
N GLY B 39 -1.33 -16.09 -10.64
CA GLY B 39 -0.03 -16.55 -10.26
C GLY B 39 0.79 -15.48 -9.58
N TYR B 40 1.66 -14.83 -10.34
CA TYR B 40 2.69 -13.88 -9.92
C TYR B 40 2.16 -12.80 -8.98
N THR B 41 3.07 -12.27 -8.15
CA THR B 41 2.84 -11.09 -7.34
C THR B 41 3.96 -10.09 -7.62
N PHE B 42 4.03 -9.02 -6.84
CA PHE B 42 5.03 -7.98 -7.10
C PHE B 42 5.92 -7.80 -5.89
N THR B 43 6.97 -6.99 -6.07
CA THR B 43 7.97 -6.71 -5.04
C THR B 43 8.71 -5.44 -5.43
N SER B 44 8.79 -4.47 -4.52
CA SER B 44 9.30 -3.15 -4.84
C SER B 44 10.74 -2.98 -4.41
N ILE B 45 11.42 -2.01 -5.03
CA ILE B 45 12.75 -1.56 -4.64
C ILE B 45 12.79 -0.05 -4.76
N THR B 46 13.08 0.63 -3.66
CA THR B 46 13.39 2.06 -3.71
C THR B 46 14.90 2.24 -3.69
N LEU B 47 15.45 2.81 -4.74
CA LEU B 47 16.89 3.02 -4.81
C LEU B 47 17.19 4.49 -4.59
N LYS B 48 18.23 4.76 -3.80
CA LYS B 48 18.62 6.12 -3.47
C LYS B 48 20.05 6.35 -3.93
N PRO B 49 20.28 7.19 -4.93
CA PRO B 49 21.64 7.48 -5.36
C PRO B 49 22.36 8.36 -4.37
N PRO B 50 23.68 8.34 -4.35
CA PRO B 50 24.42 9.38 -3.62
C PRO B 50 24.34 10.68 -4.36
N LYS B 51 24.74 11.80 -3.75
CA LYS B 51 24.62 13.08 -4.41
C LYS B 51 25.68 13.19 -5.50
N ILE B 52 25.32 12.77 -6.71
CA ILE B 52 26.18 12.87 -7.87
C ILE B 52 26.06 14.28 -8.42
N ASP B 53 26.96 14.63 -9.33
CA ASP B 53 27.13 16.02 -9.74
C ASP B 53 26.06 16.42 -10.74
N ARG B 54 26.12 17.68 -11.16
CA ARG B 54 25.17 18.24 -12.10
C ARG B 54 25.36 17.62 -13.49
N GLY B 55 24.30 17.02 -14.02
CA GLY B 55 24.38 16.39 -15.32
C GLY B 55 25.21 15.13 -15.36
N SER B 56 25.41 14.48 -14.23
CA SER B 56 26.28 13.31 -14.17
C SER B 56 25.49 12.05 -14.45
N TYR B 57 26.15 11.07 -15.07
CA TYR B 57 25.60 9.75 -15.26
C TYR B 57 25.49 9.03 -13.92
N TYR B 58 24.84 7.87 -13.93
CA TYR B 58 24.68 7.10 -12.71
C TYR B 58 24.42 5.64 -13.03
N GLY B 59 25.19 4.76 -12.42
CA GLY B 59 25.00 3.33 -12.56
C GLY B 59 24.55 2.72 -11.24
N LYS B 60 23.81 1.61 -11.33
CA LYS B 60 23.29 0.95 -10.15
C LYS B 60 22.93 -0.48 -10.53
N ARG B 61 23.51 -1.45 -9.83
CA ARG B 61 23.17 -2.84 -10.08
C ARG B 61 21.92 -3.22 -9.30
N LEU B 62 21.12 -4.10 -9.89
CA LEU B 62 19.92 -4.57 -9.22
C LEU B 62 20.24 -5.63 -8.18
N LEU B 63 20.01 -5.27 -6.92
CA LEU B 63 19.98 -6.24 -5.84
C LEU B 63 18.51 -6.53 -5.54
N LEU B 64 18.26 -7.28 -4.48
CA LEU B 64 16.90 -7.58 -4.03
C LEU B 64 16.92 -7.65 -2.51
N PRO B 65 15.75 -7.55 -1.86
CA PRO B 65 15.69 -7.92 -0.44
C PRO B 65 15.95 -9.42 -0.26
N ASP B 66 16.51 -9.75 0.90
CA ASP B 66 17.13 -11.07 1.09
C ASP B 66 16.09 -12.18 1.22
N SER B 67 14.85 -11.82 1.54
CA SER B 67 13.79 -12.82 1.57
C SER B 67 13.44 -13.27 0.16
N VAL B 68 13.66 -12.42 -0.83
CA VAL B 68 13.41 -12.77 -2.20
C VAL B 68 14.55 -13.60 -2.78
N THR B 69 15.79 -13.31 -2.38
CA THR B 69 16.95 -13.95 -2.99
C THR B 69 17.10 -15.41 -2.58
N GLU B 70 16.28 -15.88 -1.64
CA GLU B 70 16.28 -17.30 -1.28
C GLU B 70 15.83 -18.17 -2.45
N TYR B 71 14.63 -17.93 -2.95
CA TYR B 71 14.06 -18.78 -3.98
C TYR B 71 14.45 -18.26 -5.36
N ASP B 72 15.70 -18.57 -5.73
CA ASP B 72 16.30 -18.04 -6.94
C ASP B 72 16.09 -18.98 -8.13
N LYS B 73 14.96 -19.67 -8.13
CA LYS B 73 14.63 -20.55 -9.24
C LYS B 73 13.32 -20.12 -9.89
N LYS B 74 12.49 -19.38 -9.15
CA LYS B 74 11.20 -18.94 -9.64
C LYS B 74 11.36 -17.87 -10.70
N LEU B 75 10.43 -17.85 -11.66
CA LEU B 75 10.58 -17.05 -12.86
C LEU B 75 10.24 -15.60 -12.60
N VAL B 76 10.71 -14.71 -13.48
CA VAL B 76 10.36 -13.31 -13.43
C VAL B 76 9.60 -12.96 -14.70
N SER B 77 8.35 -12.54 -14.55
CA SER B 77 7.52 -12.28 -15.71
C SER B 77 7.86 -10.94 -16.36
N ARG B 78 7.67 -9.85 -15.62
CA ARG B 78 7.98 -8.53 -16.13
C ARG B 78 8.51 -7.68 -14.99
N LEU B 79 9.21 -6.61 -15.34
CA LEU B 79 9.65 -5.64 -14.36
C LEU B 79 9.21 -4.26 -14.81
N GLN B 80 9.20 -3.31 -13.88
CA GLN B 80 8.50 -2.06 -14.06
C GLN B 80 9.31 -0.92 -13.46
N ILE B 81 9.26 0.23 -14.11
CA ILE B 81 9.85 1.45 -13.58
C ILE B 81 8.74 2.43 -13.27
N ARG B 82 8.62 2.80 -12.01
CA ARG B 82 7.80 3.93 -11.62
C ARG B 82 8.71 5.10 -11.30
N VAL B 83 8.34 6.28 -11.79
CA VAL B 83 9.04 7.50 -11.44
C VAL B 83 7.99 8.41 -10.84
N ASN B 84 7.86 8.39 -9.53
CA ASN B 84 6.86 9.18 -8.86
C ASN B 84 7.44 10.54 -8.51
N PRO B 85 6.87 11.63 -9.00
CA PRO B 85 7.40 12.94 -8.63
C PRO B 85 6.75 13.50 -7.38
N LEU B 86 7.57 13.98 -6.47
CA LEU B 86 7.08 14.77 -5.35
C LEU B 86 7.01 16.22 -5.84
N PRO B 87 6.30 17.12 -5.12
CA PRO B 87 5.96 18.44 -5.71
C PRO B 87 7.10 19.33 -6.18
N LYS B 88 8.08 19.62 -5.33
CA LYS B 88 9.16 20.51 -5.73
C LYS B 88 10.04 19.79 -6.75
N PHE B 89 9.83 20.10 -8.03
CA PHE B 89 10.53 19.40 -9.09
C PHE B 89 10.57 20.28 -10.33
N ASP B 90 11.76 20.42 -10.88
CA ASP B 90 11.94 21.16 -12.12
C ASP B 90 12.94 20.48 -13.05
N SER B 91 13.50 19.37 -12.60
CA SER B 91 14.63 18.75 -13.29
C SER B 91 14.15 17.81 -14.39
N THR B 92 15.08 17.01 -14.91
CA THR B 92 14.82 16.00 -15.93
C THR B 92 15.59 14.72 -15.59
N VAL B 93 14.99 13.58 -15.92
CA VAL B 93 15.64 12.29 -15.69
C VAL B 93 15.42 11.38 -16.89
N TRP B 94 16.38 10.50 -17.15
CA TRP B 94 16.20 9.40 -18.11
C TRP B 94 16.46 8.12 -17.33
N VAL B 95 15.61 7.12 -17.52
CA VAL B 95 15.73 5.84 -16.83
C VAL B 95 15.80 4.74 -17.87
N THR B 96 16.66 3.74 -17.65
CA THR B 96 16.85 2.66 -18.62
C THR B 96 17.18 1.38 -17.86
N VAL B 97 16.75 0.23 -18.39
CA VAL B 97 16.80 -1.06 -17.71
C VAL B 97 17.69 -2.07 -18.44
N ARG B 98 18.79 -1.61 -19.01
CA ARG B 98 19.61 -2.44 -19.90
C ARG B 98 20.26 -3.63 -19.22
N LYS B 99 20.77 -4.54 -20.05
CA LYS B 99 21.52 -5.70 -19.56
C LYS B 99 23.01 -5.40 -19.59
N VAL B 100 23.58 -5.13 -18.43
CA VAL B 100 25.03 -5.02 -18.28
C VAL B 100 25.55 -6.44 -18.08
N PRO B 101 26.59 -6.86 -18.76
CA PRO B 101 27.24 -8.13 -18.41
C PRO B 101 27.85 -8.04 -17.03
N ALA B 102 27.53 -9.04 -16.20
CA ALA B 102 27.77 -9.00 -14.76
C ALA B 102 29.25 -9.03 -14.44
N SER B 103 29.74 -7.90 -13.91
CA SER B 103 31.13 -7.68 -13.49
C SER B 103 32.13 -7.83 -14.64
N SER B 104 31.64 -7.78 -15.87
CA SER B 104 32.51 -7.78 -17.04
C SER B 104 32.98 -6.40 -17.40
N ASP B 105 32.43 -5.36 -16.77
CA ASP B 105 32.69 -3.98 -17.11
C ASP B 105 32.29 -3.09 -15.95
N LEU B 106 32.81 -1.87 -15.95
CA LEU B 106 32.48 -0.89 -14.93
C LEU B 106 31.24 -0.11 -15.34
N SER B 107 30.97 0.98 -14.60
CA SER B 107 29.89 1.87 -15.01
C SER B 107 30.35 3.32 -15.05
N VAL B 108 31.54 3.59 -15.58
CA VAL B 108 32.09 4.94 -15.57
C VAL B 108 32.13 5.52 -16.98
N ALA B 109 31.12 6.34 -17.31
CA ALA B 109 31.05 7.21 -18.49
C ALA B 109 30.91 6.45 -19.80
N ALA B 110 30.90 5.12 -19.73
CA ALA B 110 30.45 4.31 -20.85
C ALA B 110 28.94 4.11 -20.78
N ILE B 111 28.33 4.61 -19.71
CA ILE B 111 26.88 4.60 -19.57
C ILE B 111 26.24 5.50 -20.61
N SER B 112 26.87 6.64 -20.90
CA SER B 112 26.39 7.52 -21.96
C SER B 112 26.55 6.88 -23.33
N ALA B 113 27.49 5.95 -23.46
CA ALA B 113 27.54 5.14 -24.67
C ALA B 113 26.42 4.09 -24.66
N MET B 114 25.99 3.66 -23.47
CA MET B 114 24.95 2.63 -23.40
C MET B 114 23.57 3.19 -23.72
N PHE B 115 23.41 4.51 -23.69
CA PHE B 115 22.16 5.09 -24.14
C PHE B 115 22.04 5.08 -25.66
N ALA B 116 23.14 4.88 -26.37
CA ALA B 116 23.17 5.15 -27.79
C ALA B 116 22.67 3.99 -28.65
N ASP B 117 22.84 2.75 -28.19
CA ASP B 117 22.56 1.62 -29.07
C ASP B 117 21.06 1.36 -29.22
N GLY B 118 20.27 1.61 -28.17
CA GLY B 118 18.84 1.44 -28.29
C GLY B 118 18.37 0.01 -28.33
N ALA B 119 19.02 -0.88 -27.58
CA ALA B 119 18.54 -2.24 -27.44
C ALA B 119 17.40 -2.36 -26.43
N SER B 120 17.09 -1.28 -25.71
CA SER B 120 16.06 -1.28 -24.70
C SER B 120 15.28 0.02 -24.80
N PRO B 121 14.02 0.06 -24.39
CA PRO B 121 13.28 1.32 -24.40
C PRO B 121 13.81 2.29 -23.37
N VAL B 122 13.68 3.58 -23.66
CA VAL B 122 14.23 4.63 -22.82
C VAL B 122 13.09 5.48 -22.30
N LEU B 123 12.96 5.56 -20.98
CA LEU B 123 11.94 6.40 -20.36
C LEU B 123 12.51 7.76 -20.07
N VAL B 124 12.00 8.78 -20.77
CA VAL B 124 12.37 10.14 -20.44
C VAL B 124 11.36 10.65 -19.43
N TYR B 125 11.71 11.72 -18.74
CA TYR B 125 10.75 12.44 -17.89
C TYR B 125 11.30 13.84 -17.69
N GLN B 126 10.46 14.84 -17.91
CA GLN B 126 10.90 16.23 -17.91
C GLN B 126 9.82 17.10 -17.29
N TYR B 127 10.26 18.18 -16.64
CA TYR B 127 9.32 19.12 -16.09
C TYR B 127 8.75 20.00 -17.18
N ALA B 128 7.47 20.32 -17.05
CA ALA B 128 6.83 21.33 -17.88
C ALA B 128 6.03 22.27 -16.99
N ALA B 129 6.08 23.56 -17.32
CA ALA B 129 5.23 24.52 -16.63
C ALA B 129 3.79 24.42 -17.10
N SER B 130 3.56 23.79 -18.26
CA SER B 130 2.24 23.57 -18.83
C SER B 130 1.50 22.53 -18.00
N GLY B 131 2.25 21.67 -17.33
CA GLY B 131 1.66 20.68 -16.47
C GLY B 131 2.58 19.50 -16.26
N VAL B 132 2.19 18.63 -15.33
CA VAL B 132 2.96 17.44 -15.03
C VAL B 132 2.74 16.42 -16.13
N GLN B 133 3.82 15.73 -16.52
CA GLN B 133 3.76 14.74 -17.57
C GLN B 133 2.91 13.55 -17.14
N ALA B 134 2.00 13.14 -18.02
CA ALA B 134 1.01 12.14 -17.67
C ALA B 134 1.57 10.72 -17.69
N ASN B 135 2.66 10.47 -18.41
CA ASN B 135 3.14 9.13 -18.66
C ASN B 135 4.51 8.97 -18.05
N ASN B 136 4.58 8.24 -16.94
CA ASN B 136 5.83 8.06 -16.20
C ASN B 136 5.99 6.63 -15.71
N LYS B 137 5.77 5.66 -16.59
CA LYS B 137 5.70 4.27 -16.16
C LYS B 137 6.10 3.36 -17.30
N LEU B 138 7.32 2.84 -17.25
CA LEU B 138 7.82 1.91 -18.25
C LEU B 138 7.58 0.48 -17.81
N LEU B 139 7.17 -0.37 -18.74
CA LEU B 139 7.11 -1.81 -18.52
C LEU B 139 8.05 -2.49 -19.52
N TYR B 140 9.12 -3.07 -19.01
CA TYR B 140 10.02 -3.86 -19.82
C TYR B 140 9.63 -5.32 -19.62
N ASP B 141 9.39 -6.03 -20.73
CA ASP B 141 8.89 -7.39 -20.65
C ASP B 141 10.04 -8.40 -20.63
N LEU B 142 9.78 -9.55 -20.00
CA LEU B 142 10.79 -10.60 -19.93
C LEU B 142 10.22 -12.01 -20.09
N SER B 143 8.99 -12.16 -20.57
CA SER B 143 8.35 -13.48 -20.55
C SER B 143 8.92 -14.41 -21.61
N ALA B 144 9.56 -13.86 -22.64
CA ALA B 144 10.10 -14.71 -23.69
C ALA B 144 11.43 -15.34 -23.28
N MET B 145 12.19 -14.69 -22.41
CA MET B 145 13.52 -15.18 -22.08
C MET B 145 13.51 -16.25 -21.00
N ARG B 146 12.39 -16.39 -20.28
CA ARG B 146 12.22 -17.34 -19.16
C ARG B 146 13.30 -17.18 -18.09
N ALA B 147 13.64 -15.92 -17.80
CA ALA B 147 14.62 -15.65 -16.76
C ALA B 147 14.01 -15.88 -15.39
N ASP B 148 14.88 -15.98 -14.40
CA ASP B 148 14.43 -16.25 -13.05
C ASP B 148 14.85 -15.12 -12.11
N ILE B 149 14.60 -15.30 -10.82
CA ILE B 149 15.02 -14.33 -9.82
C ILE B 149 16.54 -14.33 -9.69
N GLY B 150 17.17 -15.47 -9.94
CA GLY B 150 18.62 -15.56 -9.89
C GLY B 150 19.33 -14.77 -10.97
N ASP B 151 18.63 -14.41 -12.05
CA ASP B 151 19.22 -13.58 -13.09
C ASP B 151 18.95 -12.10 -12.89
N MET B 152 18.19 -11.72 -11.87
CA MET B 152 17.90 -10.32 -11.63
C MET B 152 19.10 -9.55 -11.14
N ARG B 153 20.12 -10.25 -10.65
CA ARG B 153 21.39 -9.61 -10.30
C ARG B 153 22.10 -9.08 -11.54
N LYS B 154 21.87 -9.70 -12.70
CA LYS B 154 22.62 -9.35 -13.90
C LYS B 154 22.21 -8.00 -14.46
N TYR B 155 20.98 -7.57 -14.22
CA TYR B 155 20.51 -6.34 -14.83
C TYR B 155 20.99 -5.14 -14.04
N ALA B 156 20.92 -3.97 -14.67
CA ALA B 156 21.35 -2.75 -14.02
C ALA B 156 20.49 -1.60 -14.53
N VAL B 157 20.00 -0.79 -13.61
CA VAL B 157 19.23 0.38 -13.96
C VAL B 157 20.19 1.55 -14.16
N LEU B 158 19.91 2.38 -15.17
CA LEU B 158 20.77 3.50 -15.52
C LEU B 158 19.96 4.78 -15.42
N VAL B 159 20.40 5.68 -14.56
CA VAL B 159 19.71 6.92 -14.27
C VAL B 159 20.57 8.06 -14.78
N TYR B 160 19.93 9.11 -15.29
CA TYR B 160 20.69 10.28 -15.73
C TYR B 160 19.93 11.55 -15.38
N SER B 161 20.34 12.22 -14.31
CA SER B 161 19.94 13.61 -14.14
C SER B 161 20.69 14.44 -15.19
N LYS B 162 19.98 15.39 -15.80
CA LYS B 162 20.53 16.16 -16.89
C LYS B 162 20.71 17.64 -16.56
N ASP B 163 19.63 18.31 -16.20
CA ASP B 163 19.65 19.75 -16.04
C ASP B 163 20.01 20.20 -14.63
N ASP B 164 20.27 19.26 -13.72
CA ASP B 164 20.56 19.61 -12.34
C ASP B 164 21.26 18.43 -11.69
N ALA B 165 22.01 18.74 -10.64
CA ALA B 165 22.39 17.73 -9.66
C ALA B 165 21.16 17.34 -8.86
N LEU B 166 20.85 16.05 -8.85
CA LEU B 166 19.61 15.59 -8.24
C LEU B 166 19.69 15.65 -6.73
N GLU B 167 18.84 16.48 -6.14
CA GLU B 167 18.61 16.40 -4.70
C GLU B 167 17.89 15.10 -4.39
N THR B 168 18.21 14.53 -3.23
CA THR B 168 17.71 13.20 -2.90
C THR B 168 16.21 13.19 -2.61
N ASP B 169 15.59 14.35 -2.42
CA ASP B 169 14.16 14.44 -2.16
C ASP B 169 13.48 15.42 -3.10
N GLU B 170 13.72 15.29 -4.39
CA GLU B 170 12.92 15.97 -5.40
C GLU B 170 12.17 15.01 -6.28
N LEU B 171 12.62 13.76 -6.36
CA LEU B 171 11.99 12.74 -7.20
C LEU B 171 12.47 11.37 -6.75
N VAL B 172 11.54 10.51 -6.37
CA VAL B 172 11.88 9.16 -5.96
C VAL B 172 11.85 8.29 -7.21
N LEU B 173 12.57 7.17 -7.17
CA LEU B 173 12.46 6.15 -8.21
C LEU B 173 11.98 4.86 -7.60
N HIS B 174 11.52 3.95 -8.46
CA HIS B 174 11.12 2.63 -8.01
C HIS B 174 11.40 1.63 -9.11
N VAL B 175 11.68 0.40 -8.70
CA VAL B 175 11.78 -0.73 -9.61
C VAL B 175 10.85 -1.80 -9.09
N ASP B 176 9.70 -1.95 -9.73
CA ASP B 176 8.75 -2.97 -9.35
C ASP B 176 8.97 -4.21 -10.21
N ILE B 177 9.03 -5.36 -9.55
CA ILE B 177 9.39 -6.61 -10.19
C ILE B 177 8.28 -7.62 -9.98
N GLU B 178 7.76 -8.18 -11.06
CA GLU B 178 6.70 -9.17 -10.97
C GLU B 178 7.27 -10.57 -11.15
N HIS B 179 7.21 -11.36 -10.09
CA HIS B 179 7.65 -12.75 -10.12
C HIS B 179 6.58 -13.58 -9.45
N GLN B 180 6.76 -14.91 -9.46
CA GLN B 180 5.79 -15.81 -8.84
C GLN B 180 5.70 -15.61 -7.33
N ARG B 181 4.77 -16.35 -6.74
CA ARG B 181 4.50 -16.28 -5.32
C ARG B 181 5.65 -16.88 -4.55
N ILE B 182 6.17 -16.14 -3.59
CA ILE B 182 7.10 -16.70 -2.60
C ILE B 182 6.40 -17.82 -1.85
N PRO B 183 7.02 -18.99 -1.71
CA PRO B 183 6.29 -20.22 -1.35
C PRO B 183 5.67 -20.17 0.03
N THR B 184 4.42 -20.63 0.10
CA THR B 184 3.59 -20.52 1.28
C THR B 184 4.00 -21.55 2.32
N SER B 185 3.93 -21.18 3.58
CA SER B 185 4.14 -22.13 4.66
C SER B 185 2.86 -22.90 4.95
N GLY B 186 2.84 -23.60 6.08
CA GLY B 186 1.67 -24.38 6.45
C GLY B 186 2.10 -25.51 7.35
N VAL B 187 3.42 -25.60 7.55
CA VAL B 187 4.00 -26.59 8.45
C VAL B 187 3.91 -26.04 9.87
N LEU B 188 4.02 -26.93 10.84
CA LEU B 188 3.95 -26.58 12.25
C LEU B 188 5.26 -25.90 12.64
N PRO B 189 5.23 -24.63 13.00
CA PRO B 189 6.48 -23.88 13.18
C PRO B 189 7.17 -24.22 14.49
N VAL B 190 8.50 -24.37 14.43
CA VAL B 190 9.31 -24.60 15.62
C VAL B 190 10.46 -23.60 15.64
N ALA C 1 -29.80 -12.91 -32.55
CA ALA C 1 -29.52 -12.32 -31.25
C ALA C 1 -29.62 -13.37 -30.13
N ASP C 2 -28.78 -14.40 -30.20
CA ASP C 2 -28.84 -15.52 -29.27
C ASP C 2 -27.44 -15.92 -28.78
N ALA C 3 -26.99 -15.24 -27.71
CA ALA C 3 -25.72 -15.46 -27.01
C ALA C 3 -24.49 -15.33 -27.91
N ASN C 4 -24.63 -14.69 -29.06
CA ASN C 4 -23.53 -14.40 -29.96
C ASN C 4 -23.44 -12.94 -30.33
N PHE C 5 -24.59 -12.27 -30.48
CA PHE C 5 -24.64 -10.83 -30.53
C PHE C 5 -24.62 -10.23 -29.13
N ARG C 6 -24.91 -11.04 -28.12
CA ARG C 6 -24.88 -10.57 -26.73
C ARG C 6 -23.47 -10.21 -26.31
N VAL C 7 -22.49 -11.03 -26.69
CA VAL C 7 -21.11 -10.73 -26.33
C VAL C 7 -20.55 -9.61 -27.19
N LEU C 8 -21.07 -9.45 -28.42
CA LEU C 8 -20.65 -8.32 -29.23
C LEU C 8 -21.24 -7.02 -28.73
N SER C 9 -22.46 -7.09 -28.19
CA SER C 9 -23.08 -5.90 -27.63
C SER C 9 -22.36 -5.43 -26.38
N GLN C 10 -21.83 -6.36 -25.60
CA GLN C 10 -21.08 -5.97 -24.41
C GLN C 10 -19.69 -5.44 -24.75
N GLN C 11 -19.15 -5.82 -25.91
CA GLN C 11 -17.87 -5.23 -26.31
C GLN C 11 -18.04 -3.79 -26.76
N LEU C 12 -19.07 -3.52 -27.56
CA LEU C 12 -19.25 -2.16 -28.08
C LEU C 12 -19.67 -1.20 -27.00
N SER C 13 -20.41 -1.67 -26.00
CA SER C 13 -20.82 -0.80 -24.91
C SER C 13 -19.65 -0.40 -24.04
N ARG C 14 -18.59 -1.22 -24.03
CA ARG C 14 -17.35 -0.78 -23.39
C ARG C 14 -16.73 0.39 -24.15
N LEU C 15 -16.81 0.36 -25.48
CA LEU C 15 -16.20 1.43 -26.26
C LEU C 15 -16.99 2.72 -26.16
N ASN C 16 -18.29 2.63 -25.89
CA ASN C 16 -19.07 3.85 -25.73
C ASN C 16 -18.69 4.58 -24.44
N LYS C 17 -18.41 3.82 -23.38
CA LYS C 17 -17.91 4.43 -22.17
C LYS C 17 -16.49 4.92 -22.36
N THR C 18 -15.65 4.13 -23.00
CA THR C 18 -14.23 4.42 -23.06
C THR C 18 -13.94 5.62 -23.96
N LEU C 19 -14.55 5.65 -25.15
CA LEU C 19 -14.34 6.78 -26.05
C LEU C 19 -15.02 8.05 -25.58
N ALA C 20 -15.91 7.96 -24.59
CA ALA C 20 -16.50 9.11 -23.93
C ALA C 20 -16.03 9.22 -22.49
N ALA C 21 -14.77 8.90 -22.22
CA ALA C 21 -14.22 9.01 -20.87
C ALA C 21 -14.20 10.47 -20.42
N GLY C 22 -13.37 11.28 -21.06
CA GLY C 22 -13.49 12.70 -20.85
C GLY C 22 -13.52 13.46 -22.15
N ARG C 23 -14.68 14.01 -22.48
CA ARG C 23 -14.85 14.95 -23.58
C ARG C 23 -15.91 15.96 -23.14
N PRO C 24 -15.81 17.20 -23.58
CA PRO C 24 -16.82 18.19 -23.17
C PRO C 24 -18.16 17.95 -23.82
N THR C 25 -18.92 17.03 -23.25
CA THR C 25 -20.27 16.74 -23.71
C THR C 25 -21.19 17.88 -23.29
N ILE C 26 -22.30 18.04 -24.02
CA ILE C 26 -23.21 19.14 -23.77
C ILE C 26 -24.00 18.95 -22.47
N ASN C 27 -24.04 17.74 -21.91
CA ASN C 27 -24.73 17.56 -20.64
C ASN C 27 -23.95 18.13 -19.46
N HIS C 28 -22.64 18.23 -19.59
CA HIS C 28 -21.76 18.84 -18.60
C HIS C 28 -20.49 19.28 -19.31
N PRO C 29 -20.37 20.57 -19.60
CA PRO C 29 -19.37 21.02 -20.58
C PRO C 29 -18.02 21.30 -20.01
N THR C 30 -17.89 21.44 -18.70
CA THR C 30 -16.59 21.82 -18.15
C THR C 30 -16.03 20.77 -17.22
N PHE C 31 -16.80 20.36 -16.23
CA PHE C 31 -16.31 19.39 -15.27
C PHE C 31 -16.85 18.02 -15.65
N VAL C 32 -16.03 16.99 -15.44
CA VAL C 32 -16.39 15.64 -15.88
C VAL C 32 -17.55 15.12 -15.05
N GLY C 33 -18.45 14.40 -15.71
CA GLY C 33 -19.68 14.01 -15.07
C GLY C 33 -19.48 12.83 -14.13
N SER C 34 -20.40 12.69 -13.19
CA SER C 34 -20.34 11.57 -12.28
C SER C 34 -20.86 10.31 -12.95
N GLU C 35 -20.62 9.18 -12.31
CA GLU C 35 -21.23 7.93 -12.70
C GLU C 35 -22.42 7.64 -11.81
N ARG C 36 -23.31 6.79 -12.29
CA ARG C 36 -24.56 6.52 -11.60
C ARG C 36 -24.30 5.70 -10.35
N CYS C 37 -25.03 6.02 -9.27
CA CYS C 37 -24.97 5.22 -8.07
C CYS C 37 -25.55 3.84 -8.34
N ARG C 38 -25.02 2.85 -7.63
CA ARG C 38 -25.48 1.48 -7.85
C ARG C 38 -26.86 1.28 -7.24
N PRO C 39 -27.70 0.44 -7.85
CA PRO C 39 -29.04 0.17 -7.29
C PRO C 39 -28.94 -0.47 -5.91
N GLY C 40 -29.60 0.13 -4.93
CA GLY C 40 -29.20 -0.05 -3.57
C GLY C 40 -28.64 1.22 -2.96
N TYR C 41 -27.32 1.35 -2.94
CA TYR C 41 -26.52 2.36 -2.27
C TYR C 41 -27.00 3.79 -2.54
N THR C 42 -26.72 4.67 -1.58
CA THR C 42 -26.89 6.12 -1.75
C THR C 42 -25.56 6.79 -1.40
N PHE C 43 -25.55 8.11 -1.30
CA PHE C 43 -24.29 8.82 -1.05
C PHE C 43 -24.40 9.65 0.22
N THR C 44 -23.27 10.22 0.64
CA THR C 44 -23.16 11.01 1.87
C THR C 44 -21.90 11.85 1.76
N SER C 45 -22.02 13.16 1.97
CA SER C 45 -20.92 14.08 1.72
C SER C 45 -20.19 14.47 2.99
N ILE C 46 -18.95 14.92 2.83
CA ILE C 46 -18.14 15.51 3.89
C ILE C 46 -17.40 16.71 3.33
N THR C 47 -17.63 17.89 3.89
CA THR C 47 -16.79 19.03 3.58
C THR C 47 -15.76 19.19 4.69
N LEU C 48 -14.48 19.08 4.34
CA LEU C 48 -13.42 19.21 5.32
C LEU C 48 -12.74 20.56 5.16
N LYS C 49 -12.45 21.21 6.28
CA LYS C 49 -11.84 22.53 6.28
C LYS C 49 -10.52 22.47 7.03
N PRO C 50 -9.39 22.62 6.37
CA PRO C 50 -8.11 22.61 7.07
C PRO C 50 -7.90 23.89 7.85
N PRO C 51 -7.06 23.87 8.87
CA PRO C 51 -6.62 25.15 9.46
C PRO C 51 -5.63 25.82 8.52
N LYS C 52 -5.30 27.09 8.78
CA LYS C 52 -4.41 27.80 7.88
C LYS C 52 -2.99 27.27 8.05
N ILE C 53 -2.64 26.26 7.27
CA ILE C 53 -1.30 25.70 7.27
C ILE C 53 -0.42 26.57 6.37
N ASP C 54 0.88 26.36 6.45
CA ASP C 54 1.84 27.28 5.86
C ASP C 54 1.95 27.07 4.36
N ARG C 55 2.80 27.89 3.73
CA ARG C 55 3.00 27.83 2.29
C ARG C 55 3.75 26.56 1.91
N GLY C 56 3.14 25.77 1.03
CA GLY C 56 3.75 24.53 0.61
C GLY C 56 3.79 23.45 1.67
N SER C 57 2.91 23.52 2.66
CA SER C 57 2.94 22.58 3.77
C SER C 57 2.08 21.37 3.46
N TYR C 58 2.50 20.23 3.98
CA TYR C 58 1.70 19.02 3.92
C TYR C 58 0.47 19.16 4.82
N TYR C 59 -0.43 18.18 4.74
CA TYR C 59 -1.64 18.22 5.55
C TYR C 59 -2.21 16.83 5.69
N GLY C 60 -2.49 16.43 6.93
CA GLY C 60 -3.13 15.16 7.20
C GLY C 60 -4.50 15.37 7.80
N LYS C 61 -5.39 14.41 7.57
CA LYS C 61 -6.76 14.51 8.06
C LYS C 61 -7.37 13.12 8.08
N ARG C 62 -7.84 12.69 9.24
CA ARG C 62 -8.50 11.40 9.35
C ARG C 62 -9.96 11.51 8.95
N LEU C 63 -10.47 10.45 8.33
CA LEU C 63 -11.88 10.45 7.95
C LEU C 63 -12.77 10.14 9.13
N LEU C 64 -13.57 11.13 9.51
CA LEU C 64 -14.68 10.91 10.41
C LEU C 64 -15.95 10.85 9.56
N LEU C 65 -17.11 10.81 10.20
CA LEU C 65 -18.39 10.81 9.52
C LEU C 65 -19.38 11.60 10.38
N PRO C 66 -20.50 12.04 9.81
CA PRO C 66 -21.59 12.51 10.66
C PRO C 66 -22.18 11.37 11.49
N ASP C 67 -22.68 11.72 12.66
CA ASP C 67 -22.97 10.73 13.69
C ASP C 67 -24.18 9.88 13.37
N SER C 68 -25.05 10.36 12.48
CA SER C 68 -26.17 9.54 12.04
C SER C 68 -25.71 8.39 11.17
N VAL C 69 -24.56 8.57 10.50
CA VAL C 69 -24.01 7.50 9.69
C VAL C 69 -23.25 6.48 10.54
N THR C 70 -22.58 6.95 11.60
CA THR C 70 -21.72 6.08 12.39
C THR C 70 -22.50 5.08 13.24
N GLU C 71 -23.83 5.22 13.30
CA GLU C 71 -24.65 4.23 13.98
C GLU C 71 -24.56 2.87 13.32
N TYR C 72 -24.93 2.79 12.05
CA TYR C 72 -25.00 1.51 11.36
C TYR C 72 -23.65 1.19 10.73
N ASP C 73 -22.75 0.71 11.59
CA ASP C 73 -21.37 0.49 11.20
C ASP C 73 -21.14 -0.94 10.74
N LYS C 74 -22.17 -1.53 10.12
CA LYS C 74 -22.06 -2.87 9.58
C LYS C 74 -22.30 -2.86 8.07
N LYS C 75 -22.99 -1.84 7.58
CA LYS C 75 -23.34 -1.74 6.17
C LYS C 75 -22.10 -1.43 5.33
N LEU C 76 -22.08 -1.94 4.11
CA LEU C 76 -20.89 -1.94 3.28
C LEU C 76 -20.66 -0.57 2.65
N VAL C 77 -19.43 -0.34 2.22
CA VAL C 77 -19.08 0.86 1.48
C VAL C 77 -18.63 0.46 0.09
N SER C 78 -19.35 0.91 -0.93
CA SER C 78 -19.05 0.47 -2.29
C SER C 78 -17.85 1.23 -2.85
N ARG C 79 -17.98 2.55 -2.98
CA ARG C 79 -16.90 3.37 -3.49
C ARG C 79 -16.92 4.71 -2.78
N LEU C 80 -15.79 5.40 -2.80
CA LEU C 80 -15.72 6.76 -2.28
C LEU C 80 -15.13 7.65 -3.35
N GLN C 81 -15.33 8.95 -3.19
CA GLN C 81 -15.14 9.90 -4.27
C GLN C 81 -14.50 11.18 -3.74
N ILE C 82 -13.64 11.78 -4.53
CA ILE C 82 -13.08 13.09 -4.22
C ILE C 82 -13.59 14.08 -5.25
N ARG C 83 -14.30 15.08 -4.80
CA ARG C 83 -14.59 16.25 -5.61
C ARG C 83 -13.72 17.40 -5.16
N VAL C 84 -13.15 18.11 -6.11
CA VAL C 84 -12.39 19.31 -5.83
C VAL C 84 -13.07 20.41 -6.63
N ASN C 85 -14.01 21.11 -6.01
CA ASN C 85 -14.74 22.16 -6.70
C ASN C 85 -14.00 23.47 -6.54
N PRO C 86 -13.60 24.11 -7.63
CA PRO C 86 -12.94 25.41 -7.50
C PRO C 86 -13.92 26.56 -7.51
N LEU C 87 -13.76 27.46 -6.56
CA LEU C 87 -14.44 28.75 -6.61
C LEU C 87 -13.57 29.69 -7.45
N PRO C 88 -14.10 30.85 -7.92
CA PRO C 88 -13.39 31.62 -8.96
C PRO C 88 -11.99 32.09 -8.66
N LYS C 89 -11.76 32.81 -7.56
CA LYS C 89 -10.43 33.32 -7.27
C LYS C 89 -9.52 32.14 -6.89
N PHE C 90 -8.71 31.71 -7.84
CA PHE C 90 -7.89 30.53 -7.65
C PHE C 90 -6.70 30.57 -8.60
N ASP C 91 -5.52 30.39 -8.04
CA ASP C 91 -4.30 30.31 -8.84
C ASP C 91 -3.37 29.23 -8.34
N SER C 92 -3.76 28.55 -7.27
CA SER C 92 -2.85 27.65 -6.57
C SER C 92 -2.86 26.26 -7.20
N THR C 93 -2.27 25.31 -6.48
CA THR C 93 -2.21 23.90 -6.87
C THR C 93 -2.47 23.02 -5.66
N VAL C 94 -3.13 21.89 -5.88
CA VAL C 94 -3.41 20.94 -4.81
C VAL C 94 -3.17 19.52 -5.30
N TRP C 95 -2.75 18.64 -4.39
CA TRP C 95 -2.73 17.20 -4.66
C TRP C 95 -3.59 16.55 -3.58
N VAL C 96 -4.45 15.62 -3.98
CA VAL C 96 -5.35 14.94 -3.06
C VAL C 96 -5.11 13.44 -3.18
N THR C 97 -5.12 12.72 -2.05
CA THR C 97 -4.84 11.29 -2.04
C THR C 97 -5.65 10.64 -0.92
N VAL C 98 -6.07 9.39 -1.14
CA VAL C 98 -7.02 8.69 -0.28
C VAL C 98 -6.42 7.44 0.37
N ARG C 99 -5.15 7.49 0.73
CA ARG C 99 -4.40 6.31 1.18
C ARG C 99 -4.92 5.69 2.46
N LYS C 100 -4.44 4.48 2.73
CA LYS C 100 -4.75 3.78 3.97
C LYS C 100 -3.65 4.01 4.98
N VAL C 101 -3.90 4.87 5.96
CA VAL C 101 -3.02 5.04 7.10
C VAL C 101 -3.42 3.97 8.11
N PRO C 102 -2.47 3.23 8.69
CA PRO C 102 -2.82 2.36 9.82
C PRO C 102 -3.27 3.20 11.00
N ALA C 103 -4.42 2.83 11.56
CA ALA C 103 -5.16 3.66 12.50
C ALA C 103 -4.42 3.80 13.81
N SER C 104 -3.95 5.03 14.08
CA SER C 104 -3.22 5.44 15.28
C SER C 104 -1.91 4.69 15.48
N SER C 105 -1.42 4.05 14.43
CA SER C 105 -0.13 3.39 14.46
C SER C 105 1.00 4.34 14.12
N ASP C 106 0.68 5.56 13.69
CA ASP C 106 1.65 6.53 13.20
C ASP C 106 1.02 7.91 13.22
N LEU C 107 1.88 8.92 13.17
CA LEU C 107 1.43 10.31 13.13
C LEU C 107 1.22 10.73 11.69
N SER C 108 1.04 12.04 11.49
CA SER C 108 0.98 12.56 10.14
C SER C 108 1.92 13.75 9.94
N VAL C 109 3.14 13.68 10.47
CA VAL C 109 4.05 14.81 10.42
C VAL C 109 5.22 14.51 9.47
N ALA C 110 5.11 15.02 8.24
CA ALA C 110 6.18 15.10 7.24
C ALA C 110 6.61 13.73 6.69
N ALA C 111 5.99 12.66 7.19
CA ALA C 111 6.06 11.37 6.54
C ALA C 111 4.97 11.25 5.50
N ILE C 112 4.09 12.26 5.42
CA ILE C 112 3.08 12.33 4.40
C ILE C 112 3.70 12.50 3.02
N SER C 113 4.77 13.30 2.94
CA SER C 113 5.50 13.45 1.70
C SER C 113 6.21 12.16 1.30
N ALA C 114 6.52 11.31 2.28
CA ALA C 114 6.95 9.97 1.95
C ALA C 114 5.79 9.11 1.48
N MET C 115 4.57 9.41 1.94
CA MET C 115 3.42 8.59 1.55
C MET C 115 2.97 8.88 0.14
N PHE C 116 3.40 10.00 -0.44
CA PHE C 116 3.13 10.24 -1.86
C PHE C 116 4.00 9.39 -2.76
N ALA C 117 5.08 8.84 -2.23
CA ALA C 117 6.12 8.28 -3.08
C ALA C 117 5.85 6.84 -3.50
N ASP C 118 5.15 6.06 -2.69
CA ASP C 118 5.04 4.63 -2.98
C ASP C 118 4.06 4.34 -4.11
N GLY C 119 2.99 5.12 -4.23
CA GLY C 119 2.06 4.92 -5.32
C GLY C 119 1.18 3.70 -5.20
N ALA C 120 0.74 3.38 -3.99
CA ALA C 120 -0.23 2.32 -3.79
C ALA C 120 -1.66 2.79 -4.06
N SER C 121 -1.85 4.09 -4.30
CA SER C 121 -3.17 4.65 -4.54
C SER C 121 -3.05 5.68 -5.65
N PRO C 122 -4.12 5.94 -6.40
CA PRO C 122 -4.05 6.99 -7.42
C PRO C 122 -3.94 8.37 -6.80
N VAL C 123 -3.30 9.28 -7.52
CA VAL C 123 -3.05 10.62 -7.01
C VAL C 123 -3.74 11.62 -7.90
N LEU C 124 -4.63 12.42 -7.32
CA LEU C 124 -5.34 13.45 -8.06
C LEU C 124 -4.56 14.76 -7.95
N VAL C 125 -4.02 15.22 -9.07
CA VAL C 125 -3.41 16.53 -9.10
C VAL C 125 -4.49 17.52 -9.51
N TYR C 126 -4.26 18.80 -9.24
CA TYR C 126 -5.11 19.86 -9.76
C TYR C 126 -4.28 21.14 -9.75
N GLN C 127 -4.28 21.86 -10.86
CA GLN C 127 -3.39 23.01 -11.01
C GLN C 127 -4.12 24.09 -11.81
N TYR C 128 -3.78 25.33 -11.50
CA TYR C 128 -4.35 26.44 -12.26
C TYR C 128 -3.66 26.58 -13.60
N ALA C 129 -4.43 26.91 -14.62
CA ALA C 129 -3.89 27.29 -15.91
C ALA C 129 -4.58 28.57 -16.37
N ALA C 130 -3.79 29.47 -16.97
CA ALA C 130 -4.37 30.64 -17.59
C ALA C 130 -5.05 30.31 -18.91
N SER C 131 -4.72 29.15 -19.48
CA SER C 131 -5.32 28.66 -20.72
C SER C 131 -6.76 28.26 -20.46
N GLY C 132 -7.06 27.90 -19.23
CA GLY C 132 -8.41 27.55 -18.85
C GLY C 132 -8.44 26.68 -17.63
N VAL C 133 -9.65 26.47 -17.12
CA VAL C 133 -9.86 25.64 -15.93
C VAL C 133 -9.71 24.18 -16.34
N GLN C 134 -9.07 23.39 -15.48
CA GLN C 134 -8.86 21.98 -15.74
C GLN C 134 -10.18 21.23 -15.74
N ALA C 135 -10.39 20.41 -16.76
CA ALA C 135 -11.68 19.77 -16.96
C ALA C 135 -11.91 18.58 -16.05
N ASN C 136 -10.86 17.98 -15.52
CA ASN C 136 -10.95 16.71 -14.82
C ASN C 136 -10.51 16.92 -13.39
N ASN C 137 -11.48 16.90 -12.47
CA ASN C 137 -11.23 17.16 -11.06
C ASN C 137 -12.03 16.24 -10.16
N LYS C 138 -12.03 14.95 -10.46
CA LYS C 138 -12.93 14.03 -9.79
C LYS C 138 -12.32 12.64 -9.78
N LEU C 139 -11.79 12.23 -8.64
CA LEU C 139 -11.23 10.90 -8.47
C LEU C 139 -12.28 9.96 -7.90
N LEU C 140 -12.31 8.74 -8.42
CA LEU C 140 -13.09 7.66 -7.82
C LEU C 140 -12.14 6.55 -7.41
N TYR C 141 -12.02 6.33 -6.12
CA TYR C 141 -11.26 5.21 -5.58
C TYR C 141 -12.25 4.10 -5.25
N ASP C 142 -12.01 2.91 -5.79
CA ASP C 142 -12.96 1.82 -5.65
C ASP C 142 -12.65 0.98 -4.40
N LEU C 143 -13.70 0.37 -3.84
CA LEU C 143 -13.54 -0.48 -2.67
C LEU C 143 -14.40 -1.73 -2.69
N SER C 144 -14.96 -2.12 -3.83
CA SER C 144 -15.95 -3.19 -3.84
C SER C 144 -15.30 -4.56 -3.65
N ALA C 145 -14.00 -4.67 -3.91
CA ALA C 145 -13.35 -5.96 -3.77
C ALA C 145 -13.01 -6.27 -2.31
N MET C 146 -12.79 -5.25 -1.49
CA MET C 146 -12.36 -5.49 -0.12
C MET C 146 -13.50 -5.78 0.83
N ARG C 147 -14.73 -5.49 0.43
CA ARG C 147 -15.95 -5.67 1.24
C ARG C 147 -15.86 -4.93 2.57
N ALA C 148 -15.31 -3.73 2.54
CA ALA C 148 -15.21 -2.94 3.75
C ALA C 148 -16.57 -2.37 4.12
N ASP C 149 -16.69 -1.91 5.36
CA ASP C 149 -17.94 -1.38 5.84
C ASP C 149 -17.79 0.07 6.26
N ILE C 150 -18.85 0.63 6.83
CA ILE C 150 -18.80 1.99 7.35
C ILE C 150 -17.90 2.06 8.58
N GLY C 151 -17.81 0.96 9.34
CA GLY C 151 -16.94 0.92 10.49
C GLY C 151 -15.46 0.96 10.17
N ASP C 152 -15.09 0.68 8.93
CA ASP C 152 -13.69 0.80 8.53
C ASP C 152 -13.36 2.14 7.90
N MET C 153 -14.35 3.02 7.73
CA MET C 153 -14.08 4.32 7.14
C MET C 153 -13.29 5.24 8.05
N ARG C 154 -13.25 4.92 9.34
CA ARG C 154 -12.38 5.63 10.27
C ARG C 154 -10.91 5.39 9.95
N LYS C 155 -10.58 4.23 9.37
CA LYS C 155 -9.18 3.87 9.17
C LYS C 155 -8.52 4.68 8.07
N TYR C 156 -9.29 5.17 7.11
CA TYR C 156 -8.68 5.86 5.98
C TYR C 156 -8.37 7.30 6.35
N ALA C 157 -7.52 7.92 5.55
CA ALA C 157 -7.13 9.31 5.79
C ALA C 157 -6.89 9.98 4.46
N VAL C 158 -7.44 11.16 4.29
CA VAL C 158 -7.21 11.96 3.10
C VAL C 158 -5.98 12.81 3.30
N LEU C 159 -5.17 12.95 2.25
CA LEU C 159 -3.91 13.68 2.32
C LEU C 159 -3.95 14.81 1.31
N VAL C 160 -3.83 16.03 1.79
CA VAL C 160 -3.95 17.23 0.98
C VAL C 160 -2.59 17.90 0.95
N TYR C 161 -2.22 18.49 -0.18
CA TYR C 161 -0.96 19.22 -0.26
C TYR C 161 -1.15 20.47 -1.09
N SER C 162 -1.27 21.62 -0.44
CA SER C 162 -1.03 22.87 -1.15
C SER C 162 0.45 22.99 -1.44
N LYS C 163 0.79 23.44 -2.65
CA LYS C 163 2.16 23.48 -3.09
C LYS C 163 2.70 24.89 -3.31
N ASP C 164 2.05 25.66 -4.17
CA ASP C 164 2.58 26.94 -4.58
C ASP C 164 2.10 28.09 -3.71
N ASP C 165 1.29 27.82 -2.69
CA ASP C 165 0.75 28.87 -1.83
C ASP C 165 0.30 28.24 -0.52
N ALA C 166 0.24 29.09 0.50
CA ALA C 166 -0.56 28.77 1.68
C ALA C 166 -2.02 28.90 1.31
N LEU C 167 -2.78 27.83 1.54
CA LEU C 167 -4.16 27.78 1.08
C LEU C 167 -5.04 28.67 1.94
N GLU C 168 -5.61 29.70 1.33
CA GLU C 168 -6.71 30.43 1.95
C GLU C 168 -7.92 29.51 2.03
N THR C 169 -8.69 29.67 3.10
CA THR C 169 -9.78 28.75 3.38
C THR C 169 -10.95 28.91 2.40
N ASP C 170 -10.98 29.98 1.61
CA ASP C 170 -12.04 30.21 0.63
C ASP C 170 -11.47 30.51 -0.74
N GLU C 171 -10.53 29.69 -1.22
CA GLU C 171 -10.13 29.70 -2.61
C GLU C 171 -10.47 28.41 -3.32
N LEU C 172 -10.66 27.32 -2.58
CA LEU C 172 -10.96 26.02 -3.15
C LEU C 172 -11.52 25.13 -2.05
N VAL C 173 -12.72 24.62 -2.25
CA VAL C 173 -13.33 23.72 -1.29
C VAL C 173 -12.94 22.29 -1.68
N LEU C 174 -12.97 21.39 -0.71
CA LEU C 174 -12.80 19.97 -0.99
C LEU C 174 -14.05 19.22 -0.57
N HIS C 175 -14.19 18.00 -1.07
CA HIS C 175 -15.29 17.14 -0.66
C HIS C 175 -14.83 15.70 -0.69
N VAL C 176 -15.43 14.90 0.18
CA VAL C 176 -15.26 13.45 0.17
C VAL C 176 -16.65 12.86 0.12
N ASP C 177 -17.05 12.38 -1.05
CA ASP C 177 -18.34 11.75 -1.20
C ASP C 177 -18.18 10.24 -1.06
N ILE C 178 -19.05 9.65 -0.24
CA ILE C 178 -18.94 8.24 0.12
C ILE C 178 -20.22 7.53 -0.26
N GLU C 179 -20.10 6.46 -1.03
CA GLU C 179 -21.27 5.69 -1.45
C GLU C 179 -21.38 4.43 -0.62
N HIS C 180 -22.42 4.35 0.20
CA HIS C 180 -22.70 3.18 1.01
C HIS C 180 -24.18 2.85 0.84
N GLN C 181 -24.62 1.74 1.44
CA GLN C 181 -26.02 1.33 1.37
C GLN C 181 -26.94 2.34 2.05
N ARG C 182 -28.23 2.05 1.91
CA ARG C 182 -29.28 2.90 2.46
C ARG C 182 -29.28 2.81 3.97
N ILE C 183 -29.24 3.97 4.62
CA ILE C 183 -29.50 4.05 6.06
C ILE C 183 -30.90 3.52 6.33
N PRO C 184 -31.09 2.61 7.29
CA PRO C 184 -32.30 1.79 7.37
C PRO C 184 -33.57 2.60 7.63
N THR C 185 -34.61 2.26 6.88
CA THR C 185 -35.85 3.01 6.84
C THR C 185 -36.68 2.72 8.08
N SER C 186 -37.37 3.73 8.59
CA SER C 186 -38.32 3.54 9.67
C SER C 186 -39.66 3.06 9.11
N GLY C 187 -40.68 3.10 9.95
CA GLY C 187 -42.00 2.66 9.55
C GLY C 187 -42.78 2.20 10.76
N VAL C 188 -42.10 2.24 11.91
CA VAL C 188 -42.71 1.92 13.18
C VAL C 188 -43.44 3.15 13.70
N LEU C 189 -44.36 2.94 14.61
CA LEU C 189 -45.14 4.01 15.20
C LEU C 189 -44.26 4.80 16.16
N PRO C 190 -43.95 6.05 15.89
CA PRO C 190 -42.95 6.77 16.67
C PRO C 190 -43.47 7.20 18.03
N VAL C 191 -42.64 7.04 19.06
CA VAL C 191 -42.97 7.50 20.41
C VAL C 191 -41.82 8.35 20.94
#